data_3EPY
#
_entry.id   3EPY
#
_cell.length_a   114.515
_cell.length_b   27.922
_cell.length_c   60.437
_cell.angle_alpha   90.00
_cell.angle_beta   102.79
_cell.angle_gamma   90.00
#
_symmetry.space_group_name_H-M   'C 1 2 1'
#
loop_
_entity.id
_entity.type
_entity.pdbx_description
1 polymer 'Acyl-CoA-binding domain-containing protein 7'
2 non-polymer 'COENZYME A'
3 non-polymer 'PALMITIC ACID'
4 water water
#
_entity_poly.entity_id   1
_entity_poly.type   'polypeptide(L)'
_entity_poly.pdbx_seq_one_letter_code
;SMALQADFDRAAEDVRKLKARPDDGELKELYGLYKQAIVGDINIACPGMLDLKGKAKWEAWNLKKGLSTEDATSAYISKA
KELIEKYGI
;
_entity_poly.pdbx_strand_id   A,B
#
# COMPACT_ATOMS: atom_id res chain seq x y z
N MET A 2 -32.73 -13.32 1.81
CA MET A 2 -32.72 -13.35 3.27
C MET A 2 -31.82 -14.47 3.76
N ALA A 3 -31.65 -15.49 2.93
CA ALA A 3 -30.72 -16.58 3.24
C ALA A 3 -29.31 -16.05 3.38
N LEU A 4 -28.90 -15.20 2.42
CA LEU A 4 -27.60 -14.57 2.42
C LEU A 4 -27.41 -13.69 3.65
N GLN A 5 -28.45 -12.93 4.01
CA GLN A 5 -28.33 -12.04 5.17
C GLN A 5 -27.99 -12.85 6.42
N ALA A 6 -28.71 -13.95 6.64
CA ALA A 6 -28.47 -14.78 7.81
C ALA A 6 -27.07 -15.38 7.80
N ASP A 7 -26.62 -15.86 6.64
CA ASP A 7 -25.29 -16.43 6.52
C ASP A 7 -24.21 -15.36 6.76
N PHE A 8 -24.50 -14.13 6.37
CA PHE A 8 -23.60 -13.00 6.61
C PHE A 8 -23.52 -12.68 8.11
N ASP A 9 -24.67 -12.63 8.75
CA ASP A 9 -24.72 -12.34 10.18
C ASP A 9 -23.93 -13.39 10.96
N ARG A 10 -24.05 -14.64 10.55
CA ARG A 10 -23.38 -15.72 11.25
C ARG A 10 -21.88 -15.69 10.97
N ALA A 11 -21.51 -15.44 9.71
CA ALA A 11 -20.10 -15.38 9.34
C ALA A 11 -19.42 -14.27 10.08
N ALA A 12 -20.08 -13.12 10.17
CA ALA A 12 -19.50 -11.94 10.78
C ALA A 12 -19.21 -12.17 12.27
N GLU A 13 -20.10 -12.87 12.95
CA GLU A 13 -19.88 -13.12 14.37
C GLU A 13 -18.89 -14.27 14.57
N ASP A 14 -18.96 -15.27 13.68
CA ASP A 14 -18.10 -16.43 13.78
C ASP A 14 -16.62 -16.12 13.53
N VAL A 15 -16.37 -15.12 12.70
CA VAL A 15 -14.99 -14.77 12.42
C VAL A 15 -14.32 -14.15 13.65
N ARG A 16 -15.13 -13.77 14.63
CA ARG A 16 -14.62 -13.25 15.90
C ARG A 16 -13.99 -14.36 16.74
N LYS A 17 -14.30 -15.59 16.40
CA LYS A 17 -13.89 -16.76 17.19
C LYS A 17 -12.58 -17.37 16.73
N LEU A 18 -11.89 -16.71 15.81
CA LEU A 18 -10.68 -17.29 15.21
C LEU A 18 -9.65 -17.59 16.29
N LYS A 19 -8.92 -18.70 16.12
CA LYS A 19 -7.92 -19.08 17.11
C LYS A 19 -6.57 -18.39 16.87
N ALA A 20 -6.45 -17.73 15.72
CA ALA A 20 -5.25 -16.98 15.39
C ALA A 20 -5.59 -15.70 14.64
N ARG A 21 -4.78 -14.67 14.81
CA ARG A 21 -5.01 -13.40 14.14
C ARG A 21 -4.62 -13.49 12.66
N PRO A 22 -5.57 -13.21 11.75
CA PRO A 22 -5.26 -13.17 10.32
C PRO A 22 -4.21 -12.10 10.01
N ASP A 23 -3.42 -12.28 8.96
CA ASP A 23 -2.43 -11.28 8.57
C ASP A 23 -3.11 -9.98 8.08
N ASP A 24 -2.32 -8.93 7.92
CA ASP A 24 -2.88 -7.61 7.61
C ASP A 24 -3.75 -7.61 6.36
N GLY A 25 -3.27 -8.23 5.29
CA GLY A 25 -4.01 -8.24 4.04
C GLY A 25 -5.32 -8.97 4.15
N GLU A 26 -5.36 -9.99 5.02
CA GLU A 26 -6.59 -10.73 5.23
C GLU A 26 -7.61 -9.89 5.99
N LEU A 27 -7.13 -9.10 6.95
CA LEU A 27 -8.00 -8.23 7.72
C LEU A 27 -8.53 -7.12 6.83
N LYS A 28 -7.68 -6.61 5.93
CA LYS A 28 -8.14 -5.61 4.97
C LYS A 28 -9.25 -6.13 4.06
N GLU A 29 -9.06 -7.31 3.48
CA GLU A 29 -10.08 -7.87 2.59
C GLU A 29 -11.41 -8.09 3.34
N LEU A 30 -11.32 -8.61 4.56
CA LEU A 30 -12.48 -8.84 5.40
C LEU A 30 -13.20 -7.53 5.69
N TYR A 31 -12.43 -6.50 6.03
CA TYR A 31 -13.03 -5.22 6.38
C TYR A 31 -13.67 -4.57 5.16
N GLY A 32 -12.96 -4.59 4.04
CA GLY A 32 -13.45 -3.99 2.82
C GLY A 32 -14.78 -4.58 2.40
N LEU A 33 -14.89 -5.89 2.48
CA LEU A 33 -16.11 -6.57 2.09
C LEU A 33 -17.25 -6.29 3.03
N TYR A 34 -16.93 -6.24 4.32
CA TYR A 34 -17.93 -5.98 5.34
C TYR A 34 -18.57 -4.61 5.12
N LYS A 35 -17.73 -3.59 4.93
CA LYS A 35 -18.24 -2.23 4.70
C LYS A 35 -19.02 -2.17 3.41
N GLN A 36 -18.47 -2.73 2.34
CA GLN A 36 -19.15 -2.66 1.04
C GLN A 36 -20.50 -3.38 1.10
N ALA A 37 -20.59 -4.42 1.91
CA ALA A 37 -21.82 -5.18 2.05
C ALA A 37 -22.89 -4.41 2.81
N ILE A 38 -22.47 -3.77 3.90
CA ILE A 38 -23.40 -3.15 4.83
C ILE A 38 -23.66 -1.70 4.46
N VAL A 39 -22.61 -1.00 4.03
CA VAL A 39 -22.69 0.41 3.72
C VAL A 39 -22.77 0.76 2.22
N GLY A 40 -22.10 -0.03 1.39
CA GLY A 40 -21.96 0.30 -0.02
C GLY A 40 -20.71 1.11 -0.31
N ASP A 41 -20.70 1.77 -1.46
CA ASP A 41 -19.59 2.62 -1.86
C ASP A 41 -19.28 3.67 -0.82
N ILE A 42 -17.99 3.96 -0.64
CA ILE A 42 -17.55 5.12 0.10
C ILE A 42 -18.24 6.35 -0.49
N ASN A 43 -18.76 7.23 0.34
CA ASN A 43 -19.56 8.30 -0.24
C ASN A 43 -18.92 9.68 -0.39
N ILE A 44 -17.62 9.76 -0.12
CA ILE A 44 -16.90 11.01 -0.34
C ILE A 44 -15.49 10.75 -0.83
N ALA A 45 -14.96 11.68 -1.63
CA ALA A 45 -13.59 11.59 -2.09
C ALA A 45 -12.69 12.12 -0.97
N CYS A 46 -11.96 11.24 -0.29
CA CYS A 46 -11.09 11.67 0.81
C CYS A 46 -9.89 12.39 0.23
N PRO A 47 -9.72 13.66 0.62
CA PRO A 47 -8.69 14.46 0.00
C PRO A 47 -7.36 13.74 0.04
N GLY A 48 -6.64 13.81 -1.06
CA GLY A 48 -5.36 13.18 -1.15
C GLY A 48 -5.43 11.70 -1.52
N MET A 49 -6.38 10.98 -0.92
CA MET A 49 -6.48 9.54 -1.14
C MET A 49 -6.51 9.21 -2.62
N LEU A 50 -7.03 10.14 -3.41
CA LEU A 50 -7.08 9.98 -4.85
C LEU A 50 -5.85 10.58 -5.52
N ASP A 51 -5.06 11.33 -4.74
CA ASP A 51 -3.76 11.85 -5.15
C ASP A 51 -2.73 10.73 -5.10
N LEU A 52 -2.78 9.84 -6.08
CA LEU A 52 -1.95 8.63 -6.08
C LEU A 52 -0.47 8.95 -6.26
N LYS A 53 -0.18 9.96 -7.06
CA LYS A 53 1.21 10.37 -7.26
C LYS A 53 1.81 10.89 -5.96
N GLY A 54 1.08 11.80 -5.30
CA GLY A 54 1.56 12.37 -4.05
C GLY A 54 1.70 11.33 -2.94
N LYS A 55 0.75 10.41 -2.86
CA LYS A 55 0.77 9.36 -1.86
C LYS A 55 1.98 8.46 -2.09
N ALA A 56 2.23 8.11 -3.35
CA ALA A 56 3.35 7.22 -3.69
C ALA A 56 4.70 7.85 -3.32
N LYS A 57 4.84 9.14 -3.56
CA LYS A 57 6.07 9.82 -3.23
C LYS A 57 6.30 9.85 -1.72
N TRP A 58 5.28 10.21 -0.98
CA TRP A 58 5.38 10.24 0.47
C TRP A 58 5.75 8.85 1.00
N GLU A 59 5.04 7.82 0.55
CA GLU A 59 5.30 6.45 1.03
C GLU A 59 6.73 6.03 0.71
N ALA A 60 7.15 6.31 -0.52
CA ALA A 60 8.48 5.93 -1.01
C ALA A 60 9.56 6.60 -0.17
N TRP A 61 9.40 7.89 0.07
CA TRP A 61 10.38 8.68 0.80
C TRP A 61 10.30 8.38 2.32
N ASN A 62 9.10 8.24 2.85
CA ASN A 62 8.94 7.93 4.28
C ASN A 62 9.61 6.61 4.65
N LEU A 63 9.61 5.66 3.73
CA LEU A 63 10.28 4.38 3.94
C LEU A 63 11.76 4.53 4.27
N LYS A 64 12.36 5.63 3.84
CA LYS A 64 13.80 5.84 4.00
C LYS A 64 14.11 6.73 5.18
N LYS A 65 13.09 7.07 5.95
CA LYS A 65 13.25 7.90 7.14
C LYS A 65 14.40 7.39 7.99
N GLY A 66 15.31 8.30 8.34
CA GLY A 66 16.38 7.96 9.25
C GLY A 66 17.69 7.52 8.61
N LEU A 67 17.63 7.15 7.33
CA LEU A 67 18.86 6.84 6.60
C LEU A 67 19.70 8.10 6.56
N SER A 68 20.98 7.97 6.90
CA SER A 68 21.90 9.09 6.83
C SER A 68 22.12 9.48 5.38
N THR A 69 22.62 10.70 5.17
CA THR A 69 22.90 11.18 3.83
C THR A 69 23.74 10.18 3.08
N GLU A 70 24.83 9.74 3.71
CA GLU A 70 25.79 8.85 3.08
C GLU A 70 25.18 7.52 2.67
N ASP A 71 24.42 6.92 3.56
CA ASP A 71 23.80 5.63 3.29
C ASP A 71 22.73 5.73 2.20
N ALA A 72 21.95 6.81 2.20
CA ALA A 72 20.96 7.05 1.15
C ALA A 72 21.61 7.31 -0.23
N THR A 73 22.70 8.05 -0.22
CA THR A 73 23.46 8.31 -1.43
C THR A 73 24.05 7.01 -1.99
N SER A 74 24.69 6.24 -1.12
CA SER A 74 25.27 4.95 -1.48
C SER A 74 24.21 4.05 -2.08
N ALA A 75 23.06 3.96 -1.41
CA ALA A 75 21.99 3.09 -1.85
C ALA A 75 21.37 3.55 -3.18
N TYR A 76 21.26 4.86 -3.37
CA TYR A 76 20.73 5.39 -4.62
C TYR A 76 21.58 4.88 -5.77
N ILE A 77 22.90 5.05 -5.63
CA ILE A 77 23.83 4.61 -6.65
C ILE A 77 23.70 3.12 -6.97
N SER A 78 23.61 2.29 -5.94
CA SER A 78 23.46 0.85 -6.17
C SER A 78 22.17 0.56 -6.89
N LYS A 79 21.10 1.24 -6.49
CA LYS A 79 19.80 1.04 -7.13
C LYS A 79 19.83 1.48 -8.60
N ALA A 80 20.38 2.68 -8.84
CA ALA A 80 20.49 3.20 -10.19
C ALA A 80 21.31 2.26 -11.08
N LYS A 81 22.43 1.77 -10.56
CA LYS A 81 23.27 0.83 -11.28
C LYS A 81 22.50 -0.44 -11.59
N GLU A 82 21.68 -0.86 -10.64
CA GLU A 82 20.86 -2.05 -10.85
C GLU A 82 19.89 -1.88 -12.03
N LEU A 83 19.25 -0.71 -12.10
CA LEU A 83 18.28 -0.41 -13.16
C LEU A 83 18.95 -0.23 -14.52
N ILE A 84 20.14 0.37 -14.51
CA ILE A 84 20.95 0.51 -15.71
C ILE A 84 21.40 -0.85 -16.23
N GLU A 85 21.75 -1.76 -15.34
CA GLU A 85 22.15 -3.10 -15.74
C GLU A 85 20.95 -3.86 -16.30
N LYS A 86 19.82 -3.74 -15.63
CA LYS A 86 18.60 -4.41 -16.05
C LYS A 86 18.11 -3.91 -17.42
N TYR A 87 17.94 -2.59 -17.54
CA TYR A 87 17.25 -2.05 -18.72
C TYR A 87 18.21 -1.57 -19.81
N GLY A 88 19.39 -1.14 -19.43
CA GLY A 88 20.38 -0.66 -20.39
C GLY A 88 20.30 0.83 -20.61
N ILE A 89 21.38 1.42 -21.11
CA ILE A 89 21.39 2.84 -21.49
C ILE A 89 22.16 3.07 -22.79
N LEU B 4 31.59 9.68 -3.35
CA LEU B 4 30.18 9.32 -3.36
C LEU B 4 29.34 10.37 -4.05
N GLN B 5 29.60 11.64 -3.76
CA GLN B 5 28.84 12.73 -4.37
C GLN B 5 28.91 12.66 -5.89
N ALA B 6 30.11 12.51 -6.42
CA ALA B 6 30.31 12.45 -7.87
C ALA B 6 29.60 11.24 -8.47
N ASP B 7 29.72 10.10 -7.82
CA ASP B 7 29.05 8.89 -8.28
C ASP B 7 27.52 9.06 -8.25
N PHE B 8 27.01 9.80 -7.26
CA PHE B 8 25.57 10.09 -7.16
C PHE B 8 25.13 10.97 -8.30
N ASP B 9 25.87 12.05 -8.54
CA ASP B 9 25.53 12.96 -9.62
C ASP B 9 25.50 12.25 -10.97
N ARG B 10 26.43 11.33 -11.19
CA ARG B 10 26.51 10.62 -12.46
C ARG B 10 25.38 9.61 -12.57
N ALA B 11 25.08 8.93 -11.47
CA ALA B 11 24.04 7.92 -11.47
C ALA B 11 22.69 8.59 -11.71
N ALA B 12 22.48 9.74 -11.10
CA ALA B 12 21.20 10.44 -11.19
C ALA B 12 20.94 10.89 -12.63
N GLU B 13 21.98 11.33 -13.32
CA GLU B 13 21.83 11.76 -14.70
C GLU B 13 21.70 10.55 -15.62
N ASP B 14 22.48 9.51 -15.34
CA ASP B 14 22.54 8.34 -16.21
C ASP B 14 21.24 7.56 -16.21
N VAL B 15 20.54 7.59 -15.09
CA VAL B 15 19.30 6.82 -14.98
C VAL B 15 18.23 7.44 -15.88
N ARG B 16 18.49 8.66 -16.36
CA ARG B 16 17.59 9.31 -17.33
C ARG B 16 17.72 8.70 -18.71
N LYS B 17 18.79 7.94 -18.90
CA LYS B 17 19.12 7.36 -20.20
C LYS B 17 18.56 5.96 -20.41
N LEU B 18 17.79 5.46 -19.46
CA LEU B 18 17.35 4.07 -19.49
C LEU B 18 16.58 3.80 -20.76
N LYS B 19 16.76 2.59 -21.32
CA LYS B 19 16.10 2.25 -22.58
C LYS B 19 14.67 1.74 -22.36
N ALA B 20 14.32 1.48 -21.10
CA ALA B 20 12.96 1.09 -20.77
C ALA B 20 12.54 1.65 -19.42
N ARG B 21 11.26 1.89 -19.26
CA ARG B 21 10.74 2.46 -18.01
C ARG B 21 10.70 1.40 -16.91
N PRO B 22 11.40 1.67 -15.79
CA PRO B 22 11.33 0.78 -14.62
C PRO B 22 9.90 0.65 -14.10
N ASP B 23 9.59 -0.46 -13.45
CA ASP B 23 8.24 -0.65 -12.90
C ASP B 23 8.03 0.28 -11.72
N ASP B 24 6.79 0.35 -11.25
CA ASP B 24 6.40 1.33 -10.24
C ASP B 24 7.24 1.23 -8.97
N GLY B 25 7.42 0.01 -8.46
CA GLY B 25 8.18 -0.19 -7.25
C GLY B 25 9.62 0.24 -7.39
N GLU B 26 10.15 0.09 -8.59
CA GLU B 26 11.53 0.48 -8.90
C GLU B 26 11.68 1.99 -8.86
N LEU B 27 10.70 2.69 -9.42
CA LEU B 27 10.68 4.15 -9.41
C LEU B 27 10.51 4.68 -7.99
N LYS B 28 9.69 4.01 -7.21
CA LYS B 28 9.50 4.41 -5.81
C LYS B 28 10.81 4.31 -5.02
N GLU B 29 11.51 3.19 -5.15
CA GLU B 29 12.77 3.00 -4.44
C GLU B 29 13.79 4.08 -4.85
N LEU B 30 13.88 4.33 -6.16
CA LEU B 30 14.80 5.33 -6.68
C LEU B 30 14.46 6.74 -6.17
N TYR B 31 13.18 7.08 -6.19
CA TYR B 31 12.73 8.40 -5.74
C TYR B 31 12.97 8.61 -4.25
N GLY B 32 12.56 7.63 -3.44
CA GLY B 32 12.76 7.70 -2.01
C GLY B 32 14.21 7.93 -1.63
N LEU B 33 15.12 7.22 -2.28
CA LEU B 33 16.53 7.33 -1.98
C LEU B 33 17.12 8.66 -2.44
N TYR B 34 16.66 9.12 -3.59
CA TYR B 34 17.07 10.41 -4.12
C TYR B 34 16.73 11.54 -3.17
N LYS B 35 15.49 11.57 -2.70
CA LYS B 35 15.06 12.64 -1.78
C LYS B 35 15.79 12.51 -0.46
N GLN B 36 15.88 11.29 0.07
CA GLN B 36 16.55 11.09 1.36
C GLN B 36 18.00 11.53 1.25
N ALA B 37 18.61 11.31 0.08
CA ALA B 37 20.02 11.66 -0.13
C ALA B 37 20.24 13.17 -0.17
N ILE B 38 19.38 13.85 -0.94
CA ILE B 38 19.55 15.27 -1.23
C ILE B 38 18.90 16.13 -0.16
N VAL B 39 17.72 15.71 0.29
CA VAL B 39 16.92 16.49 1.25
C VAL B 39 16.98 16.02 2.70
N GLY B 40 17.07 14.70 2.90
CA GLY B 40 17.00 14.14 4.24
C GLY B 40 15.59 13.75 4.62
N ASP B 41 15.35 13.56 5.92
CA ASP B 41 14.03 13.23 6.44
C ASP B 41 12.97 14.24 5.96
N ILE B 42 11.77 13.72 5.69
CA ILE B 42 10.59 14.54 5.50
C ILE B 42 10.49 15.42 6.74
N ASN B 43 10.25 16.72 6.60
CA ASN B 43 10.33 17.59 7.77
C ASN B 43 8.99 17.96 8.43
N ILE B 44 7.90 17.34 7.98
CA ILE B 44 6.60 17.55 8.63
C ILE B 44 5.78 16.27 8.64
N ALA B 45 4.98 16.09 9.69
CA ALA B 45 4.06 14.96 9.74
C ALA B 45 2.85 15.28 8.88
N CYS B 46 2.74 14.61 7.72
CA CYS B 46 1.62 14.85 6.82
C CYS B 46 0.36 14.26 7.42
N PRO B 47 -0.62 15.12 7.66
CA PRO B 47 -1.82 14.66 8.35
C PRO B 47 -2.35 13.40 7.72
N GLY B 48 -2.75 12.45 8.54
CA GLY B 48 -3.30 11.23 8.06
C GLY B 48 -2.25 10.20 7.69
N MET B 49 -1.18 10.63 7.02
CA MET B 49 -0.16 9.72 6.54
C MET B 49 0.35 8.83 7.65
N LEU B 50 0.30 9.34 8.88
CA LEU B 50 0.70 8.57 10.04
C LEU B 50 -0.49 7.83 10.66
N ASP B 51 -1.69 8.16 10.19
CA ASP B 51 -2.93 7.45 10.56
C ASP B 51 -3.00 6.15 9.76
N LEU B 52 -2.23 5.17 10.20
CA LEU B 52 -2.09 3.91 9.48
C LEU B 52 -3.38 3.10 9.49
N LYS B 53 -4.12 3.16 10.59
CA LYS B 53 -5.37 2.42 10.69
C LYS B 53 -6.40 2.97 9.72
N GLY B 54 -6.55 4.29 9.71
CA GLY B 54 -7.48 4.97 8.83
C GLY B 54 -7.14 4.78 7.36
N LYS B 55 -5.86 4.92 7.03
CA LYS B 55 -5.37 4.69 5.67
C LYS B 55 -5.69 3.27 5.20
N ALA B 56 -5.44 2.29 6.07
CA ALA B 56 -5.63 0.90 5.70
C ALA B 56 -7.10 0.60 5.43
N LYS B 57 -7.98 1.18 6.25
CA LYS B 57 -9.41 1.01 6.09
C LYS B 57 -9.90 1.58 4.76
N TRP B 58 -9.48 2.80 4.46
CA TRP B 58 -9.84 3.44 3.21
C TRP B 58 -9.38 2.60 2.01
N GLU B 59 -8.15 2.12 2.05
CA GLU B 59 -7.60 1.37 0.91
C GLU B 59 -8.38 0.09 0.74
N ALA B 60 -8.62 -0.59 1.86
CA ALA B 60 -9.31 -1.87 1.86
C ALA B 60 -10.70 -1.72 1.29
N TRP B 61 -11.42 -0.72 1.77
CA TRP B 61 -12.81 -0.49 1.36
C TRP B 61 -12.90 0.08 -0.07
N ASN B 62 -12.03 1.02 -0.41
CA ASN B 62 -11.99 1.58 -1.77
C ASN B 62 -11.77 0.51 -2.84
N LEU B 63 -11.02 -0.53 -2.50
CA LEU B 63 -10.78 -1.62 -3.44
C LEU B 63 -12.06 -2.33 -3.85
N LYS B 64 -13.10 -2.21 -3.05
CA LYS B 64 -14.34 -2.94 -3.32
C LYS B 64 -15.39 -2.01 -3.92
N LYS B 65 -14.98 -0.81 -4.26
CA LYS B 65 -15.90 0.15 -4.87
C LYS B 65 -16.62 -0.48 -6.06
N GLY B 66 -17.95 -0.33 -6.07
CA GLY B 66 -18.74 -0.80 -7.20
C GLY B 66 -19.39 -2.16 -7.07
N LEU B 67 -18.99 -2.95 -6.08
CA LEU B 67 -19.66 -4.23 -5.84
C LEU B 67 -21.05 -4.00 -5.31
N SER B 68 -22.03 -4.72 -5.85
CA SER B 68 -23.39 -4.66 -5.35
C SER B 68 -23.48 -5.22 -3.93
N THR B 69 -24.54 -4.86 -3.21
CA THR B 69 -24.74 -5.35 -1.86
C THR B 69 -24.61 -6.85 -1.84
N GLU B 70 -25.32 -7.51 -2.75
CA GLU B 70 -25.37 -8.97 -2.79
C GLU B 70 -24.01 -9.61 -3.04
N ASP B 71 -23.26 -9.09 -4.01
CA ASP B 71 -21.94 -9.64 -4.32
C ASP B 71 -20.97 -9.42 -3.17
N ALA B 72 -21.05 -8.26 -2.54
CA ALA B 72 -20.18 -7.95 -1.40
C ALA B 72 -20.53 -8.83 -0.19
N THR B 73 -21.82 -9.07 0.00
CA THR B 73 -22.30 -9.94 1.06
C THR B 73 -21.83 -11.38 0.85
N SER B 74 -22.04 -11.87 -0.36
CA SER B 74 -21.65 -13.21 -0.74
C SER B 74 -20.16 -13.40 -0.57
N ALA B 75 -19.37 -12.44 -1.06
CA ALA B 75 -17.93 -12.50 -0.93
C ALA B 75 -17.43 -12.43 0.53
N TYR B 76 -18.09 -11.63 1.37
CA TYR B 76 -17.69 -11.56 2.76
C TYR B 76 -17.79 -12.95 3.40
N ILE B 77 -18.94 -13.58 3.20
CA ILE B 77 -19.18 -14.93 3.73
C ILE B 77 -18.10 -15.92 3.27
N SER B 78 -17.77 -15.92 1.98
CA SER B 78 -16.73 -16.80 1.48
C SER B 78 -15.39 -16.51 2.13
N LYS B 79 -15.05 -15.24 2.25
CA LYS B 79 -13.79 -14.87 2.90
C LYS B 79 -13.78 -15.29 4.38
N ALA B 80 -14.84 -14.97 5.11
CA ALA B 80 -14.94 -15.35 6.51
C ALA B 80 -14.80 -16.87 6.68
N LYS B 81 -15.48 -17.64 5.84
CA LYS B 81 -15.40 -19.09 5.92
C LYS B 81 -14.00 -19.55 5.57
N GLU B 82 -13.36 -18.85 4.64
CA GLU B 82 -11.97 -19.12 4.26
C GLU B 82 -11.02 -18.93 5.43
N LEU B 83 -11.20 -17.83 6.18
CA LEU B 83 -10.35 -17.55 7.34
C LEU B 83 -10.60 -18.54 8.49
N ILE B 84 -11.86 -18.95 8.63
CA ILE B 84 -12.22 -19.95 9.64
C ILE B 84 -11.58 -21.31 9.31
N GLU B 85 -11.55 -21.66 8.03
CA GLU B 85 -10.92 -22.92 7.62
C GLU B 85 -9.41 -22.84 7.82
N LYS B 86 -8.82 -21.71 7.44
CA LYS B 86 -7.40 -21.52 7.61
C LYS B 86 -6.97 -21.52 9.08
N TYR B 87 -7.60 -20.70 9.92
CA TYR B 87 -7.10 -20.49 11.28
C TYR B 87 -7.80 -21.32 12.34
N GLY B 88 -9.04 -21.69 12.09
CA GLY B 88 -9.80 -22.49 13.03
C GLY B 88 -10.57 -21.64 14.01
N ILE B 89 -11.59 -22.22 14.61
CA ILE B 89 -12.35 -21.57 15.66
C ILE B 89 -12.77 -22.56 16.76
#